data_8I5I
#
_entry.id   8I5I
#
_cell.length_a   77.605
_cell.length_b   77.605
_cell.length_c   519.154
_cell.angle_alpha   90.000
_cell.angle_beta   90.000
_cell.angle_gamma   120.000
#
_symmetry.space_group_name_H-M   'P 61 2 2'
#
loop_
_entity.id
_entity.type
_entity.pdbx_description
1 polymer 'Spike protein S1'
2 polymer 'Fab Heavy chain'
3 polymer 'Fab Light chain'
#
loop_
_entity_poly.entity_id
_entity_poly.type
_entity_poly.pdbx_seq_one_letter_code
_entity_poly.pdbx_strand_id
1 'polypeptide(L)'
;QPTESIVRFPNITNLCPFGEVFNATRFASVYAWNRKRISNCVADYSVLYNSASFSTFKCYGVSPTKLNDLCFTNVYADSF
VIRGDEVRQIAPGQTGKIADYNYKLPDDFTGCVIAWNSNNLDSKVGGNYNYRYRLFRKSNLKPFERDISTEIYQAGSKPC
NGVEGFNCYFPLQSYGFQPTNGVGYQPYRVVVLSFELLHAPATVCGPKKSTNLVKNTGHHHHHH
;
R
2 'polypeptide(L)'
;QVQMVESGGGLVRPGGSLRLSCAASGFTFSDYYMSWIRQAPGKGLEWISYISSSGSSMNYADSVKGRFTISRDNAKNSLF
LQMNSLRAEDTAVYYCAREFDLTKIIMVPPYWGQGTLVTVSSASTKGPSVFPLAPSSKSTSGGTAALGCLVKDYFPEPVT
VSWNSGALTSGVHTFPAVLQSSGLYSLSSVVTVPSSSLGTQTYICNVNHKPSNTKVDKKVEPKSCDK
;
H
3 'polypeptide(L)'
;AIQLTQSPSSLSASVGDRVTITCRASQGISSYLAWYQQKPGKAPKVLIYAASTLQSGVPSRFSGSGSGTDFTLTISSLQP
EDFATYYCQQLKSYPLTFGGGTKVEITRTVAAPSVFIFPPSDEQLKSGTASVVCLLNNFYPREAKVQWKVDNALQSGNSQ
ESVTEQDSKDSTYSLSSTLTLSKADYEKHKVYACEVTHQGLSSPVTKSFNRGEC
;
L
#
# COMPACT_ATOMS: atom_id res chain seq x y z
N LEU A 15 -33.01 -50.13 13.51
CA LEU A 15 -33.12 -48.70 13.27
C LEU A 15 -31.72 -48.06 13.41
N CYS A 16 -31.21 -47.43 12.33
CA CYS A 16 -29.88 -46.77 12.28
C CYS A 16 -29.93 -45.40 11.60
N PRO A 17 -29.23 -44.36 12.18
CA PRO A 17 -29.22 -42.94 11.68
C PRO A 17 -28.13 -42.53 10.69
N PHE A 18 -28.32 -42.92 9.43
CA PHE A 18 -27.35 -42.60 8.39
C PHE A 18 -27.47 -41.16 7.91
N GLY A 19 -28.67 -40.72 7.53
CA GLY A 19 -28.83 -39.46 6.84
C GLY A 19 -28.53 -38.25 7.72
N GLU A 20 -27.29 -38.22 8.23
CA GLU A 20 -26.90 -37.38 9.36
C GLU A 20 -25.94 -36.26 8.97
N VAL A 21 -24.78 -36.57 8.40
CA VAL A 21 -23.73 -35.58 8.29
C VAL A 21 -24.03 -34.57 7.18
N PHE A 22 -24.51 -35.02 6.01
CA PHE A 22 -24.89 -34.07 4.97
C PHE A 22 -26.09 -33.24 5.42
N ASN A 23 -27.01 -33.82 6.20
CA ASN A 23 -28.06 -33.03 6.83
C ASN A 23 -27.49 -32.05 7.85
N ALA A 24 -26.32 -32.37 8.43
CA ALA A 24 -25.62 -31.45 9.31
C ALA A 24 -25.06 -30.27 8.52
N THR A 25 -24.55 -29.28 9.23
CA THR A 25 -24.42 -27.96 8.64
C THR A 25 -23.00 -27.61 8.20
N ARG A 26 -21.99 -27.76 9.06
CA ARG A 26 -20.62 -27.31 8.77
C ARG A 26 -19.70 -28.53 8.74
N PHE A 27 -19.04 -28.77 7.60
CA PHE A 27 -18.15 -29.92 7.44
C PHE A 27 -16.76 -29.55 7.97
N ALA A 28 -15.75 -30.33 7.61
CA ALA A 28 -14.36 -29.96 7.83
C ALA A 28 -13.72 -29.56 6.49
N SER A 29 -12.69 -28.72 6.56
CA SER A 29 -11.95 -28.36 5.36
C SER A 29 -11.31 -29.60 4.78
N VAL A 30 -10.99 -29.55 3.48
CA VAL A 30 -10.79 -30.78 2.72
C VAL A 30 -9.57 -31.57 3.24
N TYR A 31 -8.48 -30.88 3.55
CA TYR A 31 -7.32 -31.55 4.12
C TYR A 31 -7.52 -31.94 5.58
N ALA A 32 -8.64 -31.54 6.18
CA ALA A 32 -8.99 -31.88 7.55
C ALA A 32 -10.20 -32.80 7.58
N TRP A 33 -10.31 -33.64 6.55
CA TRP A 33 -11.54 -34.37 6.25
C TRP A 33 -12.00 -35.23 7.42
N ASN A 34 -13.16 -34.92 7.97
CA ASN A 34 -13.73 -35.74 9.04
C ASN A 34 -14.20 -37.09 8.48
N ARG A 35 -13.93 -38.17 9.23
CA ARG A 35 -14.27 -39.54 8.84
C ARG A 35 -15.08 -40.23 9.92
N LYS A 36 -16.10 -40.99 9.51
CA LYS A 36 -16.91 -41.81 10.42
C LYS A 36 -16.75 -43.28 10.05
N ARG A 37 -16.48 -44.12 11.05
CA ARG A 37 -16.62 -45.57 10.89
C ARG A 37 -18.02 -45.97 11.33
N ILE A 38 -18.73 -46.71 10.48
CA ILE A 38 -20.10 -47.14 10.76
C ILE A 38 -20.17 -48.66 10.67
N SER A 39 -20.74 -49.27 11.70
CA SER A 39 -21.10 -50.67 11.73
C SER A 39 -22.37 -50.79 12.54
N ASN A 40 -22.80 -52.03 12.78
CA ASN A 40 -23.90 -52.33 13.69
C ASN A 40 -25.11 -51.46 13.36
N CYS A 41 -25.44 -51.47 12.07
CA CYS A 41 -26.24 -50.43 11.46
C CYS A 41 -27.10 -51.02 10.36
N VAL A 42 -27.99 -50.18 9.82
CA VAL A 42 -28.79 -50.51 8.65
C VAL A 42 -29.31 -49.21 8.05
N ALA A 43 -29.16 -49.05 6.73
CA ALA A 43 -29.36 -47.75 6.10
C ALA A 43 -30.31 -47.85 4.91
N ASP A 44 -30.77 -46.68 4.44
CA ASP A 44 -31.59 -46.53 3.23
C ASP A 44 -30.76 -45.79 2.19
N TYR A 45 -30.23 -46.55 1.25
CA TYR A 45 -29.32 -46.02 0.25
C TYR A 45 -30.06 -45.44 -0.95
N SER A 46 -31.37 -45.62 -1.02
CA SER A 46 -32.15 -45.23 -2.19
C SER A 46 -33.06 -44.04 -1.92
N VAL A 47 -33.96 -44.14 -0.94
CA VAL A 47 -34.84 -43.01 -0.64
C VAL A 47 -34.06 -41.83 -0.07
N LEU A 48 -32.79 -42.03 0.27
CA LEU A 48 -31.95 -40.87 0.46
C LEU A 48 -31.30 -40.42 -0.84
N TYR A 49 -30.93 -41.37 -1.71
CA TYR A 49 -30.53 -40.98 -3.05
C TYR A 49 -31.67 -40.31 -3.79
N ASN A 50 -32.91 -40.80 -3.61
CA ASN A 50 -34.03 -40.24 -4.39
C ASN A 50 -34.36 -38.80 -3.97
N SER A 51 -33.76 -38.31 -2.89
CA SER A 51 -33.58 -36.87 -2.71
C SER A 51 -32.36 -36.43 -3.53
N ALA A 52 -32.42 -36.73 -4.83
CA ALA A 52 -31.28 -36.62 -5.75
C ALA A 52 -31.05 -35.18 -6.19
N SER A 53 -30.94 -34.30 -5.21
CA SER A 53 -30.55 -32.92 -5.43
C SER A 53 -29.06 -32.73 -5.25
N PHE A 54 -28.28 -33.76 -5.58
CA PHE A 54 -26.83 -33.73 -5.46
C PHE A 54 -26.26 -33.53 -6.85
N SER A 55 -25.60 -32.38 -7.02
CA SER A 55 -24.94 -32.00 -8.26
C SER A 55 -24.19 -33.19 -8.85
N THR A 56 -23.61 -34.02 -7.99
CA THR A 56 -22.74 -35.07 -8.48
C THR A 56 -22.92 -36.34 -7.67
N PHE A 57 -22.94 -37.46 -8.40
CA PHE A 57 -23.05 -38.80 -7.82
C PHE A 57 -22.73 -39.89 -8.86
N LYS A 58 -21.75 -40.74 -8.58
CA LYS A 58 -21.35 -41.82 -9.48
C LYS A 58 -20.44 -42.77 -8.71
N CYS A 59 -20.32 -44.00 -9.24
CA CYS A 59 -19.91 -45.13 -8.43
C CYS A 59 -18.75 -45.93 -9.04
N TYR A 60 -17.95 -46.46 -8.12
CA TYR A 60 -16.69 -47.15 -8.40
C TYR A 60 -16.59 -48.50 -7.71
N GLY A 61 -17.35 -48.72 -6.66
CA GLY A 61 -17.36 -49.98 -5.99
C GLY A 61 -18.55 -50.68 -6.59
N VAL A 62 -19.67 -50.62 -5.91
CA VAL A 62 -20.76 -51.55 -6.18
C VAL A 62 -21.89 -50.80 -6.88
N SER A 63 -22.96 -51.54 -7.18
CA SER A 63 -24.06 -51.06 -7.98
C SER A 63 -24.79 -49.89 -7.30
N PRO A 64 -25.40 -48.99 -8.09
CA PRO A 64 -26.04 -47.81 -7.49
C PRO A 64 -27.31 -48.14 -6.74
N THR A 65 -27.23 -48.11 -5.39
CA THR A 65 -28.35 -48.27 -4.46
C THR A 65 -28.85 -49.71 -4.37
N LYS A 66 -28.08 -50.69 -4.82
CA LYS A 66 -28.48 -52.10 -4.72
C LYS A 66 -27.87 -52.77 -3.49
N LEU A 67 -27.73 -52.02 -2.41
CA LEU A 67 -27.05 -52.48 -1.21
C LEU A 67 -27.99 -52.67 -0.03
N ASN A 68 -29.26 -52.28 -0.19
CA ASN A 68 -30.14 -52.08 0.94
C ASN A 68 -30.42 -53.35 1.71
N ASP A 69 -30.08 -54.51 1.12
CA ASP A 69 -30.04 -55.78 1.82
C ASP A 69 -28.63 -56.37 1.80
N LEU A 70 -27.61 -55.52 1.74
CA LEU A 70 -26.23 -55.96 1.76
C LEU A 70 -25.56 -55.53 3.06
N CYS A 71 -24.75 -56.42 3.62
CA CYS A 71 -24.13 -56.24 4.93
C CYS A 71 -22.62 -56.10 4.80
N PHE A 72 -22.03 -55.28 5.69
CA PHE A 72 -20.64 -54.87 5.61
C PHE A 72 -19.95 -54.98 6.97
N THR A 73 -18.64 -55.27 6.92
CA THR A 73 -17.78 -55.10 8.08
C THR A 73 -17.64 -53.62 8.42
N ASN A 74 -17.10 -52.85 7.47
CA ASN A 74 -16.83 -51.42 7.64
C ASN A 74 -17.52 -50.65 6.53
N VAL A 75 -18.22 -49.60 6.92
CA VAL A 75 -18.72 -48.59 6.00
C VAL A 75 -18.12 -47.26 6.44
N TYR A 76 -17.56 -46.51 5.51
CA TYR A 76 -16.86 -45.27 5.84
C TYR A 76 -17.50 -44.09 5.11
N ALA A 77 -17.38 -42.93 5.74
CA ALA A 77 -17.98 -41.70 5.23
C ALA A 77 -17.11 -40.52 5.69
N ASP A 78 -16.17 -40.14 4.83
CA ASP A 78 -15.40 -38.93 5.02
C ASP A 78 -16.22 -37.75 4.50
N SER A 79 -16.09 -36.60 5.16
CA SER A 79 -16.84 -35.42 4.73
C SER A 79 -15.97 -34.17 4.79
N PHE A 80 -16.06 -33.35 3.75
CA PHE A 80 -15.30 -32.11 3.64
C PHE A 80 -15.99 -31.23 2.61
N VAL A 81 -15.44 -30.04 2.44
CA VAL A 81 -15.99 -29.08 1.51
C VAL A 81 -14.87 -28.61 0.59
N ILE A 82 -15.12 -28.64 -0.71
CA ILE A 82 -14.17 -28.16 -1.70
C ILE A 82 -14.84 -27.06 -2.50
N ARG A 83 -14.17 -26.62 -3.54
CA ARG A 83 -14.74 -25.74 -4.53
C ARG A 83 -15.40 -26.56 -5.63
N GLY A 84 -16.17 -25.87 -6.47
CA GLY A 84 -16.89 -26.56 -7.53
C GLY A 84 -15.99 -27.18 -8.58
N ASP A 85 -14.96 -26.46 -9.00
CA ASP A 85 -14.02 -27.05 -9.95
C ASP A 85 -13.34 -28.26 -9.34
N GLU A 86 -13.06 -28.20 -8.03
CA GLU A 86 -12.44 -29.26 -7.24
C GLU A 86 -13.34 -30.47 -7.05
N VAL A 87 -14.54 -30.41 -7.63
CA VAL A 87 -15.44 -31.57 -7.64
C VAL A 87 -14.79 -32.73 -8.40
N ARG A 88 -14.27 -32.45 -9.60
CA ARG A 88 -13.77 -33.50 -10.50
C ARG A 88 -12.83 -34.47 -9.81
N GLN A 89 -12.16 -33.99 -8.77
CA GLN A 89 -10.99 -34.67 -8.23
C GLN A 89 -11.33 -35.94 -7.45
N ILE A 90 -12.51 -36.03 -6.84
CA ILE A 90 -12.66 -37.07 -5.82
C ILE A 90 -12.99 -38.38 -6.55
N ALA A 91 -11.94 -38.98 -7.11
CA ALA A 91 -12.01 -40.08 -8.04
C ALA A 91 -10.74 -40.91 -7.92
N PRO A 92 -10.86 -42.23 -7.98
CA PRO A 92 -9.66 -43.07 -8.07
C PRO A 92 -8.76 -42.63 -9.20
N GLY A 93 -7.47 -42.53 -8.92
CA GLY A 93 -6.52 -42.08 -9.91
C GLY A 93 -6.76 -40.65 -10.37
N GLN A 94 -6.50 -39.69 -9.48
CA GLN A 94 -6.64 -38.28 -9.80
C GLN A 94 -5.37 -37.54 -9.42
N THR A 95 -5.19 -36.37 -10.06
CA THR A 95 -4.00 -35.55 -9.87
C THR A 95 -4.39 -34.10 -9.60
N GLY A 96 -3.73 -33.49 -8.64
CA GLY A 96 -3.95 -32.10 -8.30
C GLY A 96 -3.81 -31.91 -6.81
N LYS A 97 -3.71 -30.63 -6.42
CA LYS A 97 -3.49 -30.27 -5.02
C LYS A 97 -4.59 -30.82 -4.11
N ILE A 98 -5.75 -31.16 -4.66
CA ILE A 98 -6.75 -31.83 -3.85
C ILE A 98 -6.47 -33.32 -3.77
N ALA A 99 -6.26 -33.97 -4.93
CA ALA A 99 -6.10 -35.42 -4.95
C ALA A 99 -4.71 -35.84 -4.48
N ASP A 100 -3.70 -34.98 -4.63
CA ASP A 100 -2.36 -35.37 -4.20
C ASP A 100 -2.04 -34.96 -2.78
N TYR A 101 -2.45 -33.76 -2.37
CA TYR A 101 -1.98 -33.17 -1.13
C TYR A 101 -3.02 -33.19 -0.02
N ASN A 102 -4.29 -33.40 -0.34
CA ASN A 102 -5.35 -33.26 0.64
C ASN A 102 -6.00 -34.60 0.99
N TYR A 103 -6.49 -35.33 -0.01
CA TYR A 103 -7.27 -36.53 0.28
C TYR A 103 -7.26 -37.43 -0.97
N LYS A 104 -6.52 -38.53 -0.92
CA LYS A 104 -6.38 -39.40 -2.07
C LYS A 104 -7.32 -40.60 -1.93
N LEU A 105 -8.12 -40.87 -3.00
CA LEU A 105 -8.94 -42.08 -3.15
C LEU A 105 -8.14 -43.16 -3.84
N PRO A 106 -8.20 -44.40 -3.36
CA PRO A 106 -7.34 -45.44 -3.94
C PRO A 106 -7.84 -45.84 -5.32
N ASP A 107 -6.95 -46.51 -6.08
CA ASP A 107 -7.32 -47.12 -7.35
C ASP A 107 -8.34 -48.25 -7.17
N ASP A 108 -8.35 -48.90 -6.01
CA ASP A 108 -9.28 -49.98 -5.69
C ASP A 108 -10.50 -49.49 -4.93
N PHE A 109 -10.99 -48.28 -5.24
CA PHE A 109 -12.01 -47.66 -4.40
C PHE A 109 -13.35 -48.41 -4.48
N THR A 110 -13.93 -48.66 -3.31
CA THR A 110 -15.11 -49.51 -3.12
C THR A 110 -16.20 -48.66 -2.47
N GLY A 111 -17.10 -48.09 -3.26
CA GLY A 111 -18.08 -47.16 -2.76
C GLY A 111 -18.20 -45.99 -3.70
N CYS A 112 -18.77 -44.89 -3.23
CA CYS A 112 -19.06 -43.76 -4.12
C CYS A 112 -18.97 -42.44 -3.35
N VAL A 113 -19.58 -41.41 -3.92
CA VAL A 113 -19.40 -40.03 -3.51
C VAL A 113 -20.63 -39.23 -3.88
N ILE A 114 -20.95 -38.23 -3.06
CA ILE A 114 -22.05 -37.31 -3.33
C ILE A 114 -21.55 -35.91 -3.08
N ALA A 115 -22.03 -34.96 -3.86
CA ALA A 115 -21.82 -33.57 -3.51
C ALA A 115 -22.97 -32.73 -4.03
N TRP A 116 -23.04 -31.50 -3.53
CA TRP A 116 -24.12 -30.57 -3.82
C TRP A 116 -23.64 -29.14 -3.56
N ASN A 117 -24.33 -28.19 -4.17
CA ASN A 117 -23.93 -26.80 -4.10
C ASN A 117 -24.30 -26.25 -2.73
N SER A 118 -23.32 -26.03 -1.88
CA SER A 118 -23.57 -25.40 -0.60
C SER A 118 -23.33 -23.91 -0.62
N ASN A 119 -23.25 -23.30 -1.81
CA ASN A 119 -23.10 -21.85 -1.87
C ASN A 119 -24.24 -21.19 -1.10
N ASN A 120 -25.44 -21.70 -1.29
CA ASN A 120 -26.57 -21.42 -0.42
C ASN A 120 -26.15 -21.32 1.06
N LEU A 121 -25.43 -22.34 1.55
CA LEU A 121 -25.10 -22.47 2.97
C LEU A 121 -23.72 -21.93 3.34
N ASP A 122 -22.65 -22.39 2.68
CA ASP A 122 -21.29 -22.19 3.18
C ASP A 122 -20.48 -21.24 2.32
N SER A 123 -21.09 -20.19 1.77
CA SER A 123 -20.32 -19.14 1.11
C SER A 123 -20.65 -17.82 1.79
N LYS A 124 -19.85 -17.48 2.80
CA LYS A 124 -20.02 -16.23 3.53
C LYS A 124 -19.69 -15.03 2.64
N VAL A 125 -20.28 -13.87 2.96
CA VAL A 125 -20.29 -12.73 2.04
C VAL A 125 -18.88 -12.21 1.77
N GLY A 126 -18.03 -12.12 2.80
CA GLY A 126 -16.64 -11.81 2.56
C GLY A 126 -15.78 -12.99 2.18
N GLY A 127 -16.38 -14.18 2.09
CA GLY A 127 -15.68 -15.42 1.85
C GLY A 127 -15.58 -16.32 3.08
N ASN A 128 -15.94 -17.58 2.94
CA ASN A 128 -15.78 -18.53 4.03
C ASN A 128 -14.27 -18.77 4.13
N TYR A 129 -13.60 -17.87 4.85
CA TYR A 129 -12.15 -17.94 4.96
C TYR A 129 -11.75 -19.07 5.91
N ASN A 130 -12.69 -19.96 6.22
CA ASN A 130 -12.48 -21.04 7.18
C ASN A 130 -12.04 -22.34 6.50
N TYR A 131 -12.88 -22.89 5.62
CA TYR A 131 -12.48 -24.08 4.89
C TYR A 131 -11.21 -23.78 4.11
N ARG A 132 -10.29 -24.74 4.11
CA ARG A 132 -9.00 -24.56 3.47
C ARG A 132 -8.50 -25.90 2.93
N TYR A 133 -7.42 -25.84 2.16
CA TYR A 133 -6.84 -27.02 1.55
C TYR A 133 -5.33 -26.89 1.54
N ARG A 134 -4.65 -28.03 1.47
CA ARG A 134 -3.20 -28.05 1.43
C ARG A 134 -2.76 -27.89 -0.03
N LEU A 135 -2.35 -26.66 -0.37
CA LEU A 135 -1.79 -26.38 -1.68
C LEU A 135 -0.41 -27.01 -1.85
N PHE A 136 0.23 -27.42 -0.75
CA PHE A 136 1.67 -27.66 -0.75
C PHE A 136 2.04 -28.81 0.17
N ARG A 137 2.72 -29.79 -0.41
CA ARG A 137 3.30 -30.88 0.36
C ARG A 137 4.63 -31.20 -0.31
N LYS A 138 5.54 -31.75 0.49
CA LYS A 138 6.82 -32.15 -0.06
C LYS A 138 6.58 -33.25 -1.10
N SER A 139 6.11 -34.42 -0.65
CA SER A 139 5.68 -35.50 -1.52
C SER A 139 4.16 -35.44 -1.65
N ASN A 140 3.58 -36.54 -2.14
CA ASN A 140 2.15 -36.70 -2.30
C ASN A 140 1.62 -37.75 -1.33
N LEU A 141 0.50 -37.44 -0.68
CA LEU A 141 -0.04 -38.32 0.33
C LEU A 141 -0.63 -39.58 -0.29
N LYS A 142 -0.69 -40.65 0.51
CA LYS A 142 -1.20 -41.95 0.09
C LYS A 142 -2.73 -41.95 0.09
N PRO A 143 -3.37 -42.87 -0.64
CA PRO A 143 -4.82 -43.01 -0.54
C PRO A 143 -5.25 -43.08 0.91
N PHE A 144 -6.22 -42.23 1.27
CA PHE A 144 -6.68 -42.06 2.64
C PHE A 144 -5.52 -41.62 3.56
N GLU A 145 -5.08 -40.39 3.33
CA GLU A 145 -4.08 -39.77 4.18
C GLU A 145 -4.49 -38.33 4.47
N ARG A 146 -4.09 -37.84 5.65
CA ARG A 146 -4.49 -36.51 6.11
C ARG A 146 -3.30 -35.86 6.83
N ASP A 147 -2.47 -35.14 6.06
CA ASP A 147 -1.34 -34.40 6.63
C ASP A 147 -1.85 -33.02 7.01
N ILE A 148 -2.38 -32.94 8.22
CA ILE A 148 -2.82 -31.65 8.72
C ILE A 148 -1.62 -31.01 9.37
N SER A 149 -0.71 -30.50 8.55
CA SER A 149 0.52 -29.91 9.05
C SER A 149 0.50 -28.43 8.68
N THR A 150 1.00 -27.59 9.59
CA THR A 150 1.07 -26.15 9.39
C THR A 150 2.48 -25.69 9.04
N GLU A 151 3.39 -26.63 8.79
CA GLU A 151 4.80 -26.30 8.55
C GLU A 151 4.94 -25.31 7.39
N ILE A 152 5.72 -24.25 7.60
CA ILE A 152 5.81 -23.20 6.60
C ILE A 152 6.61 -23.73 5.42
N TYR A 153 5.90 -24.16 4.38
CA TYR A 153 6.53 -24.97 3.34
C TYR A 153 7.67 -24.22 2.68
N GLN A 154 8.77 -24.93 2.51
CA GLN A 154 10.00 -24.42 1.91
C GLN A 154 9.87 -24.59 0.41
N ALA A 155 9.38 -23.56 -0.27
CA ALA A 155 9.44 -23.57 -1.73
C ALA A 155 10.88 -23.37 -2.19
N GLY A 156 11.63 -22.54 -1.47
CA GLY A 156 12.98 -22.16 -1.84
C GLY A 156 14.01 -22.82 -0.95
N SER A 157 15.27 -22.65 -1.36
CA SER A 157 16.38 -23.33 -0.70
C SER A 157 16.61 -22.77 0.70
N LYS A 158 16.89 -21.47 0.79
CA LYS A 158 17.03 -20.83 2.09
C LYS A 158 15.78 -21.06 2.94
N PRO A 159 15.94 -21.35 4.23
CA PRO A 159 14.83 -21.91 5.01
C PRO A 159 13.89 -20.83 5.55
N CYS A 160 12.85 -21.31 6.24
CA CYS A 160 11.83 -20.46 6.82
C CYS A 160 11.99 -20.30 8.31
N ASN A 161 12.36 -21.38 9.00
CA ASN A 161 12.54 -21.41 10.45
C ASN A 161 11.22 -21.22 11.19
N GLY A 162 10.11 -21.21 10.47
CA GLY A 162 8.82 -20.86 11.03
C GLY A 162 8.30 -19.48 10.68
N VAL A 163 8.94 -18.76 9.75
CA VAL A 163 8.43 -17.49 9.26
C VAL A 163 7.95 -17.67 7.84
N GLU A 164 6.93 -16.88 7.48
CA GLU A 164 6.55 -16.72 6.08
C GLU A 164 7.53 -15.77 5.40
N GLY A 165 7.55 -15.82 4.07
CA GLY A 165 8.48 -15.03 3.31
C GLY A 165 8.77 -15.70 1.98
N PHE A 166 9.81 -15.18 1.33
CA PHE A 166 10.08 -15.53 -0.05
C PHE A 166 10.38 -17.02 -0.21
N ASN A 167 9.54 -17.70 -1.01
CA ASN A 167 9.59 -19.14 -1.23
C ASN A 167 9.43 -19.92 0.06
N CYS A 168 8.84 -19.28 1.05
CA CYS A 168 8.64 -19.84 2.38
C CYS A 168 7.20 -19.53 2.74
N TYR A 169 6.25 -20.34 2.26
CA TYR A 169 4.85 -19.95 2.35
C TYR A 169 4.06 -20.88 3.26
N PHE A 170 2.99 -20.32 3.80
CA PHE A 170 2.05 -21.10 4.58
C PHE A 170 1.46 -22.18 3.69
N PRO A 171 1.47 -23.45 4.12
CA PRO A 171 1.08 -24.55 3.22
C PRO A 171 -0.39 -24.58 2.84
N LEU A 172 -1.28 -24.05 3.67
CA LEU A 172 -2.71 -24.20 3.49
C LEU A 172 -3.30 -22.90 2.99
N GLN A 173 -3.91 -22.94 1.80
CA GLN A 173 -4.58 -21.79 1.23
C GLN A 173 -6.05 -21.78 1.62
N SER A 174 -6.53 -20.60 2.04
CA SER A 174 -7.92 -20.44 2.47
C SER A 174 -8.87 -20.50 1.28
N TYR A 175 -10.18 -20.57 1.57
CA TYR A 175 -11.16 -20.77 0.51
C TYR A 175 -11.87 -19.49 0.06
N GLY A 176 -12.27 -18.62 0.99
CA GLY A 176 -12.76 -17.32 0.58
C GLY A 176 -13.97 -17.40 -0.33
N PHE A 177 -14.91 -18.22 0.09
CA PHE A 177 -16.13 -18.54 -0.64
C PHE A 177 -17.09 -17.36 -0.68
N GLN A 178 -16.77 -16.32 -1.43
CA GLN A 178 -17.79 -15.29 -1.65
C GLN A 178 -18.94 -15.87 -2.46
N PRO A 179 -20.19 -15.46 -2.18
CA PRO A 179 -21.32 -16.04 -2.92
C PRO A 179 -21.28 -15.72 -4.39
N THR A 180 -20.75 -14.55 -4.78
CA THR A 180 -20.72 -14.12 -6.17
C THR A 180 -19.93 -15.08 -7.06
N ASN A 181 -19.10 -15.94 -6.47
CA ASN A 181 -18.15 -16.78 -7.19
C ASN A 181 -18.81 -17.51 -8.36
N GLY A 182 -18.00 -17.81 -9.38
CA GLY A 182 -18.39 -18.81 -10.35
C GLY A 182 -18.71 -20.12 -9.65
N VAL A 183 -19.45 -21.02 -10.30
CA VAL A 183 -19.75 -22.28 -9.62
C VAL A 183 -18.46 -22.97 -9.23
N GLY A 184 -17.41 -22.79 -10.02
CA GLY A 184 -16.12 -23.41 -9.75
C GLY A 184 -15.65 -23.21 -8.33
N TYR A 185 -16.12 -22.15 -7.70
CA TYR A 185 -15.65 -21.79 -6.37
C TYR A 185 -16.79 -21.72 -5.38
N GLN A 186 -18.02 -22.01 -5.79
CA GLN A 186 -19.01 -22.25 -4.77
C GLN A 186 -18.59 -23.48 -3.98
N PRO A 187 -18.90 -23.52 -2.68
CA PRO A 187 -18.43 -24.62 -1.81
C PRO A 187 -19.28 -25.87 -1.95
N TYR A 188 -18.70 -26.91 -2.55
CA TYR A 188 -19.44 -28.15 -2.69
C TYR A 188 -19.16 -29.05 -1.51
N ARG A 189 -20.22 -29.46 -0.83
CA ARG A 189 -20.13 -30.29 0.37
C ARG A 189 -20.10 -31.75 -0.05
N VAL A 190 -19.04 -32.43 0.34
CA VAL A 190 -18.70 -33.73 -0.25
C VAL A 190 -18.76 -34.80 0.83
N VAL A 191 -19.21 -35.99 0.42
CA VAL A 191 -19.22 -37.18 1.27
C VAL A 191 -18.81 -38.38 0.43
N VAL A 192 -17.77 -39.09 0.89
CA VAL A 192 -17.29 -40.34 0.31
C VAL A 192 -17.87 -41.50 1.09
N LEU A 193 -18.01 -42.65 0.43
CA LEU A 193 -18.52 -43.87 1.07
C LEU A 193 -17.54 -44.99 0.80
N SER A 194 -16.48 -45.11 1.60
CA SER A 194 -15.66 -46.28 1.39
C SER A 194 -16.28 -47.49 2.09
N PHE A 195 -15.65 -48.65 1.87
CA PHE A 195 -15.96 -49.86 2.62
C PHE A 195 -14.69 -50.65 2.81
N GLU A 196 -14.61 -51.34 3.95
CA GLU A 196 -13.70 -52.44 4.17
C GLU A 196 -14.50 -53.64 4.66
N LEU A 197 -15.60 -53.93 3.97
CA LEU A 197 -16.36 -55.14 4.22
C LEU A 197 -15.48 -56.33 3.88
N LEU A 198 -14.83 -56.89 4.91
CA LEU A 198 -14.26 -58.24 4.87
C LEU A 198 -13.81 -58.66 6.28
N HIS A 199 -14.16 -59.90 6.67
CA HIS A 199 -13.60 -60.59 7.83
C HIS A 199 -13.88 -59.84 9.15
N ALA A 200 -15.18 -59.77 9.48
CA ALA A 200 -15.74 -59.22 10.72
C ALA A 200 -17.26 -59.41 10.68
N PRO A 201 -17.98 -59.18 11.78
CA PRO A 201 -19.43 -59.43 11.77
C PRO A 201 -20.19 -58.61 10.73
N ALA A 202 -21.33 -59.16 10.29
CA ALA A 202 -22.24 -58.48 9.37
C ALA A 202 -22.92 -57.33 10.10
N THR A 203 -22.45 -56.10 9.83
CA THR A 203 -22.75 -54.95 10.69
C THR A 203 -23.65 -53.90 10.05
N VAL A 204 -23.53 -53.62 8.76
CA VAL A 204 -24.23 -52.51 8.12
C VAL A 204 -25.06 -53.05 6.96
N CYS A 205 -26.38 -53.05 7.10
CA CYS A 205 -27.23 -53.55 6.03
C CYS A 205 -28.37 -52.58 5.69
N GLN B 1 0.00 -2.40 -17.42
CA GLN B 1 -0.57 -1.25 -16.71
C GLN B 1 -0.84 -1.53 -15.23
N VAL B 2 0.22 -1.55 -14.43
CA VAL B 2 0.12 -1.88 -13.02
C VAL B 2 -0.43 -0.69 -12.26
N GLN B 3 -1.49 -0.92 -11.49
CA GLN B 3 -2.19 0.16 -10.81
C GLN B 3 -2.54 -0.23 -9.37
N MET B 4 -2.35 0.71 -8.44
CA MET B 4 -2.80 0.55 -7.06
C MET B 4 -3.31 1.88 -6.55
N VAL B 5 -4.34 1.82 -5.71
CA VAL B 5 -5.04 3.03 -5.27
C VAL B 5 -5.34 2.94 -3.78
N GLU B 6 -4.66 3.77 -3.00
CA GLU B 6 -5.03 4.04 -1.62
C GLU B 6 -6.14 5.10 -1.61
N SER B 7 -7.10 4.92 -0.70
CA SER B 7 -8.14 5.92 -0.44
C SER B 7 -8.70 5.68 0.96
N GLY B 8 -8.93 6.77 1.71
CA GLY B 8 -9.49 6.62 3.05
C GLY B 8 -8.72 7.24 4.19
N GLY B 9 -7.97 8.32 3.95
CA GLY B 9 -7.29 9.04 5.00
C GLY B 9 -8.07 10.24 5.51
N GLY B 10 -7.40 11.10 6.29
CA GLY B 10 -8.03 12.28 6.86
C GLY B 10 -7.84 12.48 8.36
N LEU B 11 -8.84 13.02 9.06
CA LEU B 11 -8.79 13.23 10.51
C LEU B 11 -9.51 12.09 11.23
N VAL B 12 -8.99 11.69 12.39
CA VAL B 12 -9.63 10.71 13.27
C VAL B 12 -9.29 11.02 14.72
N ARG B 13 -10.31 11.10 15.57
CA ARG B 13 -10.06 11.39 16.97
C ARG B 13 -9.42 10.20 17.67
N PRO B 14 -8.40 10.42 18.49
CA PRO B 14 -7.65 9.29 19.10
C PRO B 14 -8.49 8.54 20.11
N GLY B 15 -8.54 7.22 19.96
CA GLY B 15 -9.56 6.41 20.57
C GLY B 15 -10.74 6.12 19.66
N GLY B 16 -10.87 6.86 18.55
CA GLY B 16 -11.80 6.53 17.49
C GLY B 16 -11.12 5.67 16.43
N SER B 17 -11.88 5.37 15.38
CA SER B 17 -11.45 4.36 14.41
C SER B 17 -11.59 4.84 12.97
N LEU B 18 -10.69 4.32 12.13
CA LEU B 18 -10.58 4.65 10.71
C LEU B 18 -10.44 3.37 9.90
N ARG B 19 -10.55 3.49 8.57
CA ARG B 19 -10.49 2.34 7.68
C ARG B 19 -9.90 2.74 6.33
N LEU B 20 -8.86 2.01 5.91
CA LEU B 20 -8.13 2.31 4.69
C LEU B 20 -8.54 1.37 3.58
N SER B 21 -8.08 1.68 2.37
CA SER B 21 -8.53 0.90 1.22
C SER B 21 -7.51 0.99 0.11
N CYS B 22 -7.23 -0.16 -0.52
CA CYS B 22 -6.22 -0.29 -1.57
C CYS B 22 -6.84 -1.06 -2.74
N ALA B 23 -7.46 -0.33 -3.67
CA ALA B 23 -8.01 -0.93 -4.87
C ALA B 23 -6.91 -1.13 -5.91
N ALA B 24 -6.95 -2.28 -6.57
CA ALA B 24 -5.88 -2.71 -7.46
C ALA B 24 -6.45 -3.23 -8.77
N SER B 25 -5.64 -3.14 -9.82
CA SER B 25 -5.80 -3.95 -11.03
C SER B 25 -4.55 -3.77 -11.87
N GLY B 26 -4.52 -4.43 -13.02
CA GLY B 26 -3.37 -4.37 -13.89
C GLY B 26 -2.54 -5.64 -13.82
N PHE B 27 -2.40 -6.18 -12.60
CA PHE B 27 -1.85 -7.51 -12.36
C PHE B 27 -3.00 -8.41 -11.95
N THR B 28 -2.67 -9.63 -11.52
CA THR B 28 -3.69 -10.55 -11.01
C THR B 28 -3.61 -10.55 -9.48
N PHE B 29 -4.63 -9.97 -8.85
CA PHE B 29 -4.49 -9.59 -7.44
C PHE B 29 -4.40 -10.80 -6.54
N SER B 30 -5.23 -11.80 -6.79
CA SER B 30 -5.36 -12.98 -5.93
C SER B 30 -4.10 -13.85 -5.90
N ASP B 31 -3.04 -13.45 -6.62
CA ASP B 31 -1.78 -14.17 -6.59
C ASP B 31 -0.85 -13.71 -5.49
N TYR B 32 -0.95 -12.47 -5.07
CA TYR B 32 0.12 -11.80 -4.36
C TYR B 32 -0.10 -11.73 -2.86
N TYR B 33 0.96 -11.99 -2.12
CA TYR B 33 1.04 -11.62 -0.72
C TYR B 33 1.04 -10.09 -0.60
N MET B 34 -0.06 -9.54 -0.09
CA MET B 34 -0.22 -8.09 0.03
C MET B 34 0.35 -7.59 1.35
N SER B 35 0.67 -6.28 1.41
CA SER B 35 1.17 -5.68 2.65
C SER B 35 1.06 -4.16 2.62
N TRP B 36 1.08 -3.58 3.82
CA TRP B 36 0.99 -2.15 4.05
C TRP B 36 2.29 -1.63 4.66
N ILE B 37 2.48 -0.31 4.58
CA ILE B 37 3.64 0.37 5.17
C ILE B 37 3.22 1.79 5.53
N ARG B 38 3.82 2.35 6.59
CA ARG B 38 3.56 3.73 6.98
C ARG B 38 4.87 4.46 7.29
N GLN B 39 4.87 5.78 7.10
CA GLN B 39 6.05 6.62 7.31
C GLN B 39 5.68 7.82 8.16
N ALA B 40 6.32 7.95 9.32
CA ALA B 40 6.10 9.14 10.16
C ALA B 40 6.73 10.37 9.50
N PRO B 41 5.99 11.53 9.41
CA PRO B 41 6.38 12.61 8.48
C PRO B 41 7.86 13.01 8.54
N GLY B 42 8.59 12.69 7.46
CA GLY B 42 10.01 12.86 7.39
C GLY B 42 10.83 11.68 7.87
N LYS B 43 10.21 10.77 8.64
CA LYS B 43 10.94 9.71 9.35
C LYS B 43 11.01 8.44 8.51
N GLY B 44 11.65 7.42 9.10
CA GLY B 44 11.87 6.17 8.40
C GLY B 44 10.56 5.42 8.19
N LEU B 45 10.56 4.59 7.16
CA LEU B 45 9.36 3.85 6.80
C LEU B 45 9.33 2.52 7.54
N GLU B 46 8.12 2.10 7.90
CA GLU B 46 7.89 0.97 8.80
C GLU B 46 6.81 0.05 8.23
N TRP B 47 7.18 -1.21 8.00
CA TRP B 47 6.20 -2.22 7.64
C TRP B 47 5.28 -2.45 8.82
N ILE B 48 3.99 -2.58 8.55
CA ILE B 48 2.99 -2.70 9.59
C ILE B 48 2.27 -4.04 9.54
N SER B 49 1.98 -4.58 8.35
CA SER B 49 1.38 -5.91 8.25
C SER B 49 1.24 -6.35 6.79
N TYR B 50 0.83 -7.61 6.62
CA TYR B 50 0.67 -8.27 5.33
C TYR B 50 -0.60 -9.13 5.34
N ILE B 51 -0.85 -9.83 4.23
CA ILE B 51 -1.90 -10.84 4.15
C ILE B 51 -1.52 -11.85 3.06
N SER B 52 -1.85 -13.12 3.30
CA SER B 52 -1.56 -14.15 2.32
C SER B 52 -2.27 -13.87 0.98
N SER B 53 -1.94 -14.67 -0.03
CA SER B 53 -2.67 -14.65 -1.29
C SER B 53 -4.13 -15.00 -1.06
N SER B 54 -4.36 -16.04 -0.28
CA SER B 54 -5.68 -16.59 -0.03
C SER B 54 -6.34 -16.02 1.23
N GLY B 55 -5.68 -15.10 1.91
CA GLY B 55 -6.16 -14.63 3.19
C GLY B 55 -6.00 -15.65 4.30
N SER B 56 -5.34 -16.78 4.01
CA SER B 56 -5.15 -17.86 4.97
C SER B 56 -4.16 -17.49 6.07
N SER B 57 -3.39 -16.42 5.91
CA SER B 57 -2.40 -16.12 6.94
C SER B 57 -1.96 -14.67 6.86
N MET B 58 -1.97 -14.03 8.02
CA MET B 58 -1.62 -12.63 8.14
C MET B 58 -0.93 -12.43 9.48
N ASN B 59 -0.30 -11.26 9.65
CA ASN B 59 0.30 -10.90 10.93
C ASN B 59 0.63 -9.41 10.94
N TYR B 60 0.41 -8.78 12.10
CA TYR B 60 0.62 -7.35 12.26
C TYR B 60 2.00 -7.06 12.86
N ALA B 61 2.57 -5.91 12.48
CA ALA B 61 3.74 -5.41 13.18
C ALA B 61 3.35 -5.05 14.61
N ASP B 62 4.33 -5.08 15.49
CA ASP B 62 4.02 -5.03 16.92
C ASP B 62 3.38 -3.70 17.33
N SER B 63 3.83 -2.59 16.73
CA SER B 63 3.28 -1.26 17.05
C SER B 63 1.78 -1.15 16.84
N VAL B 64 1.16 -2.11 16.14
CA VAL B 64 -0.26 -2.05 15.85
C VAL B 64 -0.95 -3.38 16.11
N LYS B 65 -0.22 -4.36 16.68
CA LYS B 65 -0.75 -5.71 16.80
C LYS B 65 -2.12 -5.70 17.44
N GLY B 66 -3.08 -6.36 16.78
CA GLY B 66 -4.46 -6.39 17.24
C GLY B 66 -5.26 -5.16 16.90
N ARG B 67 -4.69 -3.97 17.17
CA ARG B 67 -5.47 -2.74 17.11
C ARG B 67 -6.02 -2.49 15.71
N PHE B 68 -5.28 -2.90 14.68
CA PHE B 68 -5.62 -2.67 13.27
C PHE B 68 -6.01 -4.00 12.62
N THR B 69 -6.40 -3.94 11.34
CA THR B 69 -6.96 -5.14 10.71
C THR B 69 -6.61 -5.22 9.23
N ILE B 70 -5.68 -6.11 8.89
CA ILE B 70 -5.50 -6.49 7.50
C ILE B 70 -6.74 -7.22 7.03
N SER B 71 -7.01 -7.11 5.74
CA SER B 71 -8.04 -7.88 5.06
C SER B 71 -7.95 -7.62 3.55
N ARG B 72 -8.18 -8.66 2.76
CA ARG B 72 -8.20 -8.54 1.31
C ARG B 72 -9.49 -9.14 0.78
N ASP B 73 -9.99 -8.56 -0.32
CA ASP B 73 -11.11 -9.14 -1.07
C ASP B 73 -10.57 -9.68 -2.38
N ASN B 74 -10.52 -11.00 -2.50
CA ASN B 74 -9.82 -11.61 -3.63
C ASN B 74 -10.54 -11.33 -4.94
N ALA B 75 -11.87 -11.20 -4.92
CA ALA B 75 -12.66 -11.05 -6.13
C ALA B 75 -12.96 -9.60 -6.51
N LYS B 76 -12.51 -8.61 -5.73
CA LYS B 76 -12.57 -7.21 -6.17
C LYS B 76 -11.20 -6.54 -6.14
N ASN B 77 -10.13 -7.32 -5.98
CA ASN B 77 -8.77 -6.81 -6.15
C ASN B 77 -8.48 -5.67 -5.16
N SER B 78 -8.87 -5.87 -3.90
CA SER B 78 -8.70 -4.81 -2.91
C SER B 78 -8.12 -5.34 -1.60
N LEU B 79 -7.18 -4.60 -1.05
CA LEU B 79 -6.65 -4.79 0.29
C LEU B 79 -7.21 -3.72 1.21
N PHE B 80 -7.26 -4.02 2.50
CA PHE B 80 -7.91 -3.10 3.42
C PHE B 80 -7.12 -2.96 4.70
N LEU B 81 -7.47 -1.90 5.43
CA LEU B 81 -7.06 -1.73 6.80
C LEU B 81 -8.24 -1.16 7.56
N GLN B 82 -8.55 -1.76 8.69
CA GLN B 82 -9.44 -1.17 9.69
C GLN B 82 -8.56 -0.75 10.86
N MET B 83 -8.59 0.54 11.19
CA MET B 83 -7.70 1.11 12.19
C MET B 83 -8.51 1.62 13.36
N ASN B 84 -8.18 1.16 14.58
CA ASN B 84 -9.06 1.33 15.72
C ASN B 84 -8.25 1.77 16.93
N SER B 85 -8.98 2.32 17.90
CA SER B 85 -8.38 2.89 19.11
C SER B 85 -7.11 3.65 18.75
N LEU B 86 -7.26 4.55 17.79
CA LEU B 86 -6.12 5.18 17.12
C LEU B 86 -5.30 6.02 18.09
N ARG B 87 -4.15 6.49 17.61
CA ARG B 87 -3.25 7.27 18.44
C ARG B 87 -2.66 8.42 17.63
N ALA B 88 -2.30 9.50 18.35
CA ALA B 88 -1.68 10.65 17.70
C ALA B 88 -0.36 10.30 17.02
N GLU B 89 0.26 9.16 17.38
CA GLU B 89 1.49 8.70 16.76
C GLU B 89 1.28 7.70 15.63
N ASP B 90 0.09 7.11 15.54
CA ASP B 90 -0.23 6.27 14.38
C ASP B 90 -0.23 7.12 13.10
N THR B 91 -0.28 8.44 13.25
CA THR B 91 -0.25 9.37 12.14
C THR B 91 0.94 9.12 11.20
N ALA B 92 0.63 8.74 9.95
CA ALA B 92 1.62 8.49 8.92
C ALA B 92 0.91 8.47 7.57
N VAL B 93 1.70 8.28 6.52
CA VAL B 93 1.19 8.16 5.16
C VAL B 93 1.28 6.69 4.74
N TYR B 94 0.11 6.07 4.51
CA TYR B 94 -0.03 4.61 4.56
C TYR B 94 -0.04 3.98 3.17
N TYR B 95 1.12 3.43 2.77
CA TYR B 95 1.28 2.79 1.47
C TYR B 95 0.75 1.35 1.51
N CYS B 96 0.52 0.78 0.32
CA CYS B 96 0.28 -0.66 0.16
C CYS B 96 1.18 -1.21 -0.94
N ALA B 97 1.56 -2.48 -0.81
CA ALA B 97 2.56 -3.08 -1.71
C ALA B 97 2.14 -4.47 -2.16
N ARG B 98 2.47 -4.80 -3.41
CA ARG B 98 2.21 -6.11 -4.02
C ARG B 98 3.53 -6.85 -4.13
N GLU B 99 3.67 -7.94 -3.36
CA GLU B 99 5.01 -8.48 -3.15
C GLU B 99 5.20 -9.90 -3.68
N PHE B 100 4.44 -10.89 -3.19
CA PHE B 100 4.85 -12.28 -3.30
C PHE B 100 3.85 -13.08 -4.12
N ASP B 101 4.31 -13.62 -5.24
CA ASP B 101 3.47 -14.27 -6.25
C ASP B 101 3.71 -15.78 -6.21
N LEU B 102 2.75 -16.52 -5.66
CA LEU B 102 2.81 -17.98 -5.66
C LEU B 102 2.73 -18.55 -7.07
N THR B 103 2.19 -17.77 -8.02
CA THR B 103 2.11 -18.17 -9.42
C THR B 103 3.49 -18.44 -9.98
N LYS B 104 4.52 -17.89 -9.34
CA LYS B 104 5.91 -18.19 -9.67
C LYS B 104 6.62 -18.55 -8.37
N ILE B 105 7.94 -18.59 -8.44
CA ILE B 105 8.79 -18.72 -7.27
C ILE B 105 9.86 -17.63 -7.30
N ILE B 106 9.99 -16.94 -8.44
CA ILE B 106 11.03 -15.94 -8.66
C ILE B 106 10.68 -14.57 -8.06
N MET B 107 11.65 -13.66 -8.04
CA MET B 107 11.47 -12.35 -7.44
C MET B 107 10.51 -11.50 -8.28
N VAL B 108 9.48 -10.98 -7.61
CA VAL B 108 8.56 -9.99 -8.18
C VAL B 108 8.99 -8.62 -7.70
N PRO B 109 9.17 -7.63 -8.56
CA PRO B 109 9.43 -6.25 -8.09
C PRO B 109 8.17 -5.68 -7.44
N PRO B 110 8.17 -5.47 -6.13
CA PRO B 110 6.92 -5.10 -5.45
C PRO B 110 6.40 -3.78 -5.99
N TYR B 111 5.08 -3.66 -6.09
CA TYR B 111 4.50 -2.42 -6.56
C TYR B 111 3.88 -1.70 -5.39
N TRP B 112 4.17 -0.39 -5.28
CA TRP B 112 3.66 0.46 -4.22
C TRP B 112 2.66 1.44 -4.79
N GLY B 113 1.46 1.42 -4.25
CA GLY B 113 0.54 2.50 -4.54
C GLY B 113 1.09 3.79 -3.98
N GLN B 114 0.46 4.89 -4.41
CA GLN B 114 0.97 6.24 -4.18
C GLN B 114 0.87 6.71 -2.74
N GLY B 115 0.15 5.98 -1.87
CA GLY B 115 0.09 6.31 -0.45
C GLY B 115 -1.15 7.12 -0.09
N THR B 116 -1.28 7.39 1.22
CA THR B 116 -2.44 8.10 1.74
C THR B 116 -2.17 8.58 3.16
N LEU B 117 -2.59 9.81 3.47
CA LEU B 117 -2.28 10.46 4.75
C LEU B 117 -3.35 10.15 5.78
N VAL B 118 -2.92 9.57 6.91
CA VAL B 118 -3.75 9.43 8.11
C VAL B 118 -3.15 10.29 9.21
N THR B 119 -3.99 11.14 9.82
CA THR B 119 -3.58 12.06 10.88
C THR B 119 -4.60 11.95 12.00
N VAL B 120 -4.15 11.56 13.19
CA VAL B 120 -5.05 11.25 14.30
C VAL B 120 -4.96 12.41 15.29
N SER B 121 -6.00 13.25 15.31
CA SER B 121 -6.10 14.40 16.20
C SER B 121 -7.57 14.68 16.50
N SER B 122 -7.84 15.34 17.62
CA SER B 122 -9.19 15.73 17.97
C SER B 122 -9.49 17.21 17.76
N ALA B 123 -8.46 18.02 17.50
CA ALA B 123 -8.63 19.37 16.98
C ALA B 123 -9.18 19.28 15.56
N SER B 124 -10.48 19.59 15.39
CA SER B 124 -11.21 19.19 14.19
C SER B 124 -10.94 20.14 13.02
N THR B 125 -11.65 19.90 11.91
CA THR B 125 -11.21 20.19 10.55
C THR B 125 -11.75 21.51 9.99
N LYS B 126 -10.88 22.25 9.28
CA LYS B 126 -11.18 23.57 8.72
C LYS B 126 -10.87 23.61 7.23
N GLY B 127 -11.81 24.12 6.43
CA GLY B 127 -11.56 24.37 5.02
C GLY B 127 -10.53 25.46 4.80
N PRO B 128 -9.78 25.38 3.71
CA PRO B 128 -8.79 26.41 3.41
C PRO B 128 -9.44 27.65 2.80
N SER B 129 -8.64 28.70 2.75
CA SER B 129 -9.00 29.96 2.09
C SER B 129 -7.94 30.25 1.02
N VAL B 130 -8.38 30.51 -0.22
CA VAL B 130 -7.50 30.54 -1.41
C VAL B 130 -7.29 31.97 -1.87
N PHE B 131 -6.02 32.35 -2.09
CA PHE B 131 -5.69 33.76 -2.39
C PHE B 131 -4.67 33.92 -3.51
N PRO B 132 -4.98 34.70 -4.56
CA PRO B 132 -4.06 34.85 -5.69
C PRO B 132 -2.87 35.74 -5.36
N LEU B 133 -1.96 35.81 -6.33
CA LEU B 133 -0.79 36.69 -6.27
C LEU B 133 -0.55 37.20 -7.69
N ALA B 134 -1.04 38.40 -7.98
CA ALA B 134 -1.08 38.91 -9.36
C ALA B 134 0.30 39.40 -9.78
N PRO B 135 0.72 39.13 -11.02
CA PRO B 135 2.09 39.46 -11.45
C PRO B 135 2.33 40.96 -11.57
N SER B 136 3.60 41.35 -11.34
CA SER B 136 3.97 42.76 -11.19
C SER B 136 4.92 43.28 -12.26
N SER B 137 6.10 42.66 -12.43
CA SER B 137 7.19 43.22 -13.30
C SER B 137 7.16 42.79 -14.76
N GLY B 143 12.26 40.62 -15.13
CA GLY B 143 11.89 41.20 -16.42
C GLY B 143 10.80 40.38 -17.06
N THR B 144 10.96 39.06 -16.93
CA THR B 144 9.91 38.09 -17.23
C THR B 144 9.18 37.75 -15.92
N ALA B 145 7.85 37.83 -15.96
CA ALA B 145 7.03 37.86 -14.75
C ALA B 145 6.91 36.46 -14.15
N ALA B 146 6.06 36.35 -13.12
CA ALA B 146 5.82 35.10 -12.42
C ALA B 146 4.69 35.34 -11.43
N LEU B 147 3.88 34.31 -11.21
CA LEU B 147 2.70 34.43 -10.35
C LEU B 147 2.35 33.07 -9.75
N GLY B 148 1.58 33.14 -8.67
CA GLY B 148 1.10 31.92 -8.08
C GLY B 148 -0.05 32.24 -7.15
N CYS B 149 -0.40 31.27 -6.34
CA CYS B 149 -1.54 31.42 -5.46
C CYS B 149 -1.08 31.34 -4.02
N LEU B 150 -2.06 31.24 -3.13
CA LEU B 150 -1.82 31.12 -1.70
C LEU B 150 -3.03 30.42 -1.09
N VAL B 151 -2.79 29.43 -0.23
CA VAL B 151 -3.84 28.79 0.56
C VAL B 151 -3.48 28.93 2.03
N LYS B 152 -4.51 29.10 2.85
CA LYS B 152 -4.29 29.45 4.24
C LYS B 152 -5.44 28.92 5.07
N ASP B 153 -5.10 28.45 6.27
CA ASP B 153 -6.07 28.09 7.29
C ASP B 153 -6.96 26.92 6.90
N TYR B 154 -6.31 25.78 6.66
CA TYR B 154 -6.99 24.51 6.57
C TYR B 154 -6.34 23.55 7.55
N PHE B 155 -7.04 22.47 7.78
CA PHE B 155 -6.65 21.49 8.79
C PHE B 155 -7.48 20.25 8.52
N PRO B 156 -6.88 19.05 8.47
CA PRO B 156 -5.45 18.74 8.61
C PRO B 156 -4.78 18.90 7.26
N GLU B 157 -3.54 18.41 7.08
CA GLU B 157 -3.07 18.20 5.72
C GLU B 157 -3.94 17.09 5.12
N PRO B 158 -4.00 17.03 3.80
CA PRO B 158 -3.28 17.78 2.82
C PRO B 158 -4.15 18.71 2.00
N VAL B 159 -3.45 19.41 1.12
CA VAL B 159 -4.07 20.19 0.06
C VAL B 159 -3.23 19.98 -1.20
N THR B 160 -3.82 20.27 -2.36
CA THR B 160 -3.33 19.75 -3.63
C THR B 160 -2.73 20.82 -4.53
N VAL B 161 -1.50 20.56 -4.98
CA VAL B 161 -0.91 21.33 -6.05
C VAL B 161 -1.58 20.96 -7.36
N SER B 162 -2.02 21.96 -8.11
CA SER B 162 -2.26 21.78 -9.53
C SER B 162 -2.42 23.15 -10.14
N TRP B 163 -2.09 23.25 -11.42
CA TRP B 163 -2.09 24.57 -12.03
C TRP B 163 -2.69 24.52 -13.41
N ASN B 164 -3.48 25.55 -13.72
CA ASN B 164 -4.10 25.69 -15.05
C ASN B 164 -4.81 24.42 -15.44
N SER B 165 -5.67 23.94 -14.53
CA SER B 165 -6.42 22.69 -14.70
C SER B 165 -5.48 21.53 -15.07
N GLY B 166 -4.25 21.57 -14.56
CA GLY B 166 -3.27 20.56 -14.81
C GLY B 166 -2.32 20.85 -15.96
N ALA B 167 -2.71 21.72 -16.90
CA ALA B 167 -1.94 21.96 -18.12
C ALA B 167 -0.53 22.48 -17.82
N LEU B 168 -0.19 22.66 -16.54
CA LEU B 168 1.06 23.27 -16.10
C LEU B 168 1.80 22.39 -15.10
N THR B 169 3.04 22.03 -15.44
CA THR B 169 3.94 21.35 -14.51
C THR B 169 5.34 21.93 -14.61
N SER B 170 5.54 23.00 -15.37
CA SER B 170 6.85 23.60 -15.60
C SER B 170 7.01 24.82 -14.69
N GLY B 171 8.00 24.76 -13.80
CA GLY B 171 8.19 25.86 -12.89
C GLY B 171 7.15 25.98 -11.79
N VAL B 172 6.29 24.97 -11.63
CA VAL B 172 5.35 24.94 -10.52
C VAL B 172 6.13 24.60 -9.24
N HIS B 173 6.28 25.59 -8.36
CA HIS B 173 7.03 25.40 -7.12
C HIS B 173 6.04 25.26 -5.96
N THR B 174 5.78 24.01 -5.59
CA THR B 174 4.83 23.63 -4.55
C THR B 174 5.41 23.88 -3.18
N PHE B 175 4.73 24.67 -2.38
CA PHE B 175 5.45 24.82 -1.13
C PHE B 175 5.00 23.83 -0.10
N PRO B 176 5.93 23.40 0.73
CA PRO B 176 5.55 22.67 1.93
C PRO B 176 4.58 23.52 2.74
N ALA B 177 3.77 22.83 3.54
CA ALA B 177 2.69 23.49 4.26
C ALA B 177 3.27 24.18 5.48
N VAL B 178 3.44 25.50 5.40
CA VAL B 178 4.05 26.29 6.47
C VAL B 178 3.01 26.43 7.59
N LEU B 179 3.11 25.57 8.60
CA LEU B 179 2.11 25.55 9.69
C LEU B 179 2.18 26.85 10.48
N GLN B 180 1.05 27.23 11.09
CA GLN B 180 0.90 28.55 11.68
C GLN B 180 0.76 28.51 13.20
N SER B 181 0.95 29.69 13.80
CA SER B 181 0.56 29.90 15.19
C SER B 181 -0.91 29.58 15.38
N SER B 182 -1.74 29.96 14.40
CA SER B 182 -3.16 29.67 14.41
C SER B 182 -3.39 28.15 14.33
N GLY B 183 -2.32 27.37 14.39
CA GLY B 183 -2.42 25.92 14.38
C GLY B 183 -2.95 25.37 13.09
N LEU B 184 -2.98 26.18 12.05
CA LEU B 184 -3.44 25.75 10.75
C LEU B 184 -2.29 25.72 9.79
N TYR B 185 -2.60 25.37 8.56
CA TYR B 185 -1.61 25.31 7.51
C TYR B 185 -1.86 26.45 6.53
N SER B 186 -0.85 27.26 6.31
CA SER B 186 -0.79 28.09 5.12
C SER B 186 0.34 27.53 4.27
N LEU B 187 0.32 27.89 3.00
CA LEU B 187 1.33 27.48 2.03
C LEU B 187 0.91 28.02 0.68
N SER B 188 1.76 27.82 -0.33
CA SER B 188 1.29 28.12 -1.67
C SER B 188 2.17 27.43 -2.70
N SER B 189 1.58 27.15 -3.85
CA SER B 189 2.34 26.84 -5.05
C SER B 189 2.30 28.05 -5.97
N VAL B 190 3.40 28.28 -6.66
CA VAL B 190 3.54 29.45 -7.49
C VAL B 190 4.37 29.02 -8.68
N VAL B 191 4.23 29.74 -9.80
CA VAL B 191 4.91 29.36 -11.03
C VAL B 191 5.52 30.58 -11.69
N THR B 192 6.73 30.40 -12.24
CA THR B 192 7.26 31.37 -13.18
C THR B 192 6.50 31.30 -14.49
N VAL B 193 6.14 32.48 -15.00
CA VAL B 193 5.19 32.62 -16.07
C VAL B 193 5.84 33.50 -17.14
N PRO B 194 5.98 33.03 -18.35
CA PRO B 194 6.39 33.92 -19.44
C PRO B 194 5.65 35.25 -19.38
N SER B 195 6.38 36.35 -19.24
CA SER B 195 5.75 37.68 -19.20
C SER B 195 5.06 38.02 -20.51
N SER B 196 5.39 37.30 -21.60
CA SER B 196 4.76 37.56 -22.88
C SER B 196 3.32 37.06 -22.92
N SER B 197 3.04 35.88 -22.35
CA SER B 197 1.69 35.34 -22.40
C SER B 197 0.73 36.02 -21.42
N LEU B 198 1.10 37.20 -20.90
CA LEU B 198 0.29 37.87 -19.90
C LEU B 198 -1.08 38.31 -20.41
N GLY B 199 -1.31 38.26 -21.72
CA GLY B 199 -2.64 38.52 -22.23
C GLY B 199 -3.28 37.28 -22.81
N THR B 200 -2.46 36.44 -23.47
CA THR B 200 -2.94 35.33 -24.29
C THR B 200 -3.37 34.11 -23.48
N GLN B 201 -2.95 34.01 -22.22
CA GLN B 201 -3.25 32.87 -21.38
C GLN B 201 -4.07 33.30 -20.18
N THR B 202 -4.72 32.32 -19.54
CA THR B 202 -5.42 32.54 -18.29
C THR B 202 -4.94 31.51 -17.30
N TYR B 203 -4.69 31.92 -16.06
CA TYR B 203 -3.99 31.09 -15.08
C TYR B 203 -4.87 30.90 -13.86
N ILE B 204 -5.19 29.63 -13.57
CA ILE B 204 -6.10 29.23 -12.51
C ILE B 204 -5.45 28.10 -11.72
N CYS B 205 -5.51 28.18 -10.41
CA CYS B 205 -4.87 27.22 -9.53
C CYS B 205 -5.88 26.30 -8.88
N ASN B 206 -5.46 25.06 -8.61
CA ASN B 206 -6.38 23.95 -8.32
C ASN B 206 -6.08 23.36 -6.95
N VAL B 207 -6.73 23.92 -5.96
CA VAL B 207 -6.67 23.48 -4.58
C VAL B 207 -7.44 22.20 -4.46
N ASN B 208 -7.08 21.40 -3.46
CA ASN B 208 -8.03 20.40 -2.99
C ASN B 208 -7.75 20.10 -1.53
N HIS B 209 -8.51 20.74 -0.65
CA HIS B 209 -8.61 20.23 0.69
C HIS B 209 -9.76 19.25 0.66
N LYS B 210 -9.44 18.00 0.53
CA LYS B 210 -10.48 16.98 0.60
C LYS B 210 -10.98 16.67 2.00
N PRO B 211 -10.12 16.66 3.05
CA PRO B 211 -10.64 16.35 4.39
C PRO B 211 -11.74 17.28 4.87
N SER B 212 -11.67 18.57 4.52
CA SER B 212 -12.78 19.50 4.74
C SER B 212 -13.71 19.59 3.52
N ASN B 213 -13.44 18.80 2.47
CA ASN B 213 -14.24 18.74 1.24
C ASN B 213 -14.32 20.09 0.53
N THR B 214 -13.41 21.01 0.87
CA THR B 214 -13.32 22.34 0.27
C THR B 214 -12.38 22.26 -0.93
N LYS B 215 -12.94 22.37 -2.14
CA LYS B 215 -12.20 22.12 -3.38
C LYS B 215 -12.56 23.23 -4.37
N VAL B 216 -11.62 24.14 -4.62
CA VAL B 216 -11.92 25.43 -5.24
C VAL B 216 -10.80 25.86 -6.17
N ASP B 217 -11.17 26.71 -7.14
CA ASP B 217 -10.28 27.22 -8.17
C ASP B 217 -10.29 28.75 -8.20
N LYS B 218 -9.13 29.35 -8.44
CA LYS B 218 -8.94 30.80 -8.37
C LYS B 218 -8.22 31.33 -9.61
N LYS B 219 -8.69 32.47 -10.13
CA LYS B 219 -8.03 33.16 -11.23
C LYS B 219 -6.85 33.98 -10.74
N VAL B 220 -5.82 34.08 -11.59
CA VAL B 220 -4.71 35.00 -11.34
C VAL B 220 -4.51 35.85 -12.59
N GLU B 221 -4.81 37.15 -12.47
CA GLU B 221 -4.57 38.20 -13.45
C GLU B 221 -4.13 39.46 -12.69
N PRO B 222 -3.31 40.32 -13.31
CA PRO B 222 -2.65 41.42 -12.58
C PRO B 222 -3.56 42.64 -12.34
N LYS B 223 -3.03 43.63 -11.62
CA LYS B 223 -3.77 44.82 -11.16
C LYS B 223 -5.16 44.42 -10.65
N ALA C 1 13.04 -10.42 11.61
CA ALA C 1 13.94 -9.80 12.57
C ALA C 1 15.28 -9.59 11.92
N ILE C 2 15.25 -8.95 10.75
CA ILE C 2 16.45 -8.75 9.94
C ILE C 2 16.61 -7.23 9.75
N GLN C 3 17.54 -6.63 10.49
CA GLN C 3 17.76 -5.19 10.46
C GLN C 3 18.82 -4.81 9.42
N LEU C 4 18.72 -3.59 8.91
CA LEU C 4 19.53 -3.17 7.77
C LEU C 4 20.47 -2.03 8.13
N THR C 5 21.74 -2.18 7.74
CA THR C 5 22.76 -1.16 7.95
C THR C 5 22.79 -0.26 6.73
N GLN C 6 21.88 0.71 6.71
CA GLN C 6 21.85 1.69 5.64
C GLN C 6 23.04 2.61 5.78
N SER C 7 24.00 2.51 4.85
CA SER C 7 25.24 3.30 4.89
C SER C 7 25.50 4.00 3.57
N PRO C 8 25.79 5.33 3.57
CA PRO C 8 25.68 6.30 4.68
C PRO C 8 24.28 6.92 4.90
N SER C 9 24.12 7.74 5.93
CA SER C 9 22.81 8.30 6.27
C SER C 9 22.49 9.56 5.44
N SER C 10 23.49 10.41 5.20
CA SER C 10 23.37 11.62 4.38
C SER C 10 24.57 11.71 3.45
N LEU C 11 24.39 12.44 2.33
CA LEU C 11 25.52 12.81 1.47
C LEU C 11 25.12 13.89 0.46
N SER C 12 26.14 14.44 -0.21
CA SER C 12 25.95 15.40 -1.29
C SER C 12 27.04 15.20 -2.34
N ALA C 13 26.65 15.24 -3.61
CA ALA C 13 27.56 14.94 -4.70
C ALA C 13 27.58 16.03 -5.76
N SER C 14 28.77 16.34 -6.26
CA SER C 14 28.90 17.12 -7.48
C SER C 14 28.21 16.38 -8.61
N VAL C 15 27.63 17.14 -9.55
CA VAL C 15 26.67 16.58 -10.49
C VAL C 15 27.36 15.65 -11.48
N GLY C 16 26.97 14.37 -11.46
CA GLY C 16 27.67 13.38 -12.26
C GLY C 16 28.93 12.79 -11.65
N ASP C 17 28.83 12.35 -10.40
CA ASP C 17 29.85 11.55 -9.73
C ASP C 17 29.31 10.14 -9.54
N ARG C 18 30.20 9.21 -9.22
CA ARG C 18 29.76 7.86 -8.87
C ARG C 18 29.57 7.77 -7.36
N VAL C 19 28.41 7.25 -6.95
CA VAL C 19 28.08 7.12 -5.54
C VAL C 19 27.63 5.68 -5.26
N THR C 20 27.80 5.26 -4.01
CA THR C 20 27.75 3.86 -3.59
C THR C 20 27.10 3.75 -2.20
N ILE C 21 26.11 2.86 -2.05
CA ILE C 21 25.35 2.71 -0.81
C ILE C 21 25.55 1.30 -0.28
N THR C 22 26.06 1.18 0.94
CA THR C 22 26.10 -0.12 1.60
C THR C 22 24.80 -0.37 2.32
N CYS C 23 24.42 -1.63 2.37
CA CYS C 23 23.31 -2.06 3.20
C CYS C 23 23.78 -3.40 3.77
N ARG C 24 24.43 -3.35 4.93
CA ARG C 24 24.72 -4.57 5.67
C ARG C 24 23.47 -4.99 6.42
N ALA C 25 23.38 -6.28 6.75
CA ALA C 25 22.12 -6.88 7.18
C ALA C 25 22.31 -7.78 8.40
N SER C 26 21.37 -7.68 9.34
CA SER C 26 21.49 -8.39 10.61
C SER C 26 21.48 -9.91 10.43
N GLN C 27 21.04 -10.41 9.27
CA GLN C 27 21.01 -11.83 8.98
C GLN C 27 21.88 -12.11 7.74
N GLY C 28 21.83 -13.37 7.27
CA GLY C 28 22.20 -13.73 5.92
C GLY C 28 20.95 -13.94 5.06
N ILE C 29 20.59 -12.94 4.25
CA ILE C 29 19.32 -12.92 3.55
C ILE C 29 19.40 -13.49 2.15
N SER C 30 20.57 -13.96 1.72
CA SER C 30 20.86 -14.31 0.32
C SER C 30 20.67 -13.04 -0.51
N SER C 31 20.07 -13.13 -1.71
CA SER C 31 19.87 -12.00 -2.61
C SER C 31 18.48 -11.37 -2.48
N TYR C 32 17.92 -11.38 -1.27
CA TYR C 32 16.53 -11.03 -1.05
C TYR C 32 16.53 -9.56 -0.64
N LEU C 33 16.51 -8.69 -1.64
CA LEU C 33 16.82 -7.28 -1.40
C LEU C 33 16.37 -6.44 -2.57
N ALA C 34 15.63 -5.38 -2.29
CA ALA C 34 15.26 -4.42 -3.29
C ALA C 34 15.69 -3.03 -2.86
N TRP C 35 15.86 -2.15 -3.85
CA TRP C 35 16.38 -0.80 -3.64
C TRP C 35 15.40 0.24 -4.18
N TYR C 36 15.03 1.25 -3.36
CA TYR C 36 13.97 2.19 -3.68
C TYR C 36 14.38 3.67 -3.59
N GLN C 37 13.84 4.49 -4.49
CA GLN C 37 14.07 5.94 -4.52
C GLN C 37 12.78 6.69 -4.25
N GLN C 38 12.83 7.68 -3.35
CA GLN C 38 11.63 8.37 -2.85
C GLN C 38 11.79 9.87 -3.07
N LYS C 39 11.25 10.38 -4.16
CA LYS C 39 11.21 11.82 -4.35
C LYS C 39 10.31 12.45 -3.28
N PRO C 40 10.63 13.69 -2.85
CA PRO C 40 10.10 14.19 -1.58
C PRO C 40 8.60 14.03 -1.47
N GLY C 41 8.17 13.14 -0.57
CA GLY C 41 6.76 12.92 -0.31
C GLY C 41 6.09 11.89 -1.20
N LYS C 42 6.54 11.76 -2.45
CA LYS C 42 5.93 10.78 -3.33
C LYS C 42 6.10 9.38 -2.77
N ALA C 43 5.45 8.43 -3.42
CA ALA C 43 5.66 7.04 -3.08
C ALA C 43 7.08 6.61 -3.45
N PRO C 44 7.61 5.59 -2.76
CA PRO C 44 8.84 4.96 -3.22
C PRO C 44 8.57 4.20 -4.51
N LYS C 45 9.66 3.87 -5.22
CA LYS C 45 9.58 2.95 -6.35
C LYS C 45 10.79 2.03 -6.36
N VAL C 46 10.60 0.80 -6.88
CA VAL C 46 11.72 -0.13 -6.97
C VAL C 46 12.69 0.38 -8.01
N LEU C 47 13.97 0.10 -7.80
CA LEU C 47 14.98 0.41 -8.81
C LEU C 47 15.84 -0.81 -9.04
N ILE C 48 16.05 -1.61 -8.00
CA ILE C 48 16.69 -2.90 -8.12
C ILE C 48 15.93 -3.89 -7.25
N TYR C 49 15.60 -5.04 -7.83
CA TYR C 49 15.06 -6.17 -7.10
C TYR C 49 15.94 -7.38 -7.40
N ALA C 50 15.72 -8.47 -6.66
CA ALA C 50 16.66 -9.61 -6.67
C ALA C 50 18.09 -9.13 -6.45
N ALA C 51 18.20 -7.98 -5.78
CA ALA C 51 19.45 -7.39 -5.32
C ALA C 51 20.38 -6.96 -6.46
N SER C 52 20.08 -7.41 -7.69
CA SER C 52 20.95 -7.06 -8.81
C SER C 52 20.21 -6.58 -10.06
N THR C 53 18.94 -6.94 -10.25
CA THR C 53 18.28 -6.73 -11.52
C THR C 53 17.59 -5.37 -11.57
N LEU C 54 17.66 -4.74 -12.74
CA LEU C 54 17.11 -3.41 -12.96
C LEU C 54 15.61 -3.46 -13.22
N GLN C 55 14.89 -2.48 -12.66
CA GLN C 55 13.49 -2.35 -13.01
C GLN C 55 13.34 -1.81 -14.43
N SER C 56 12.17 -2.08 -15.02
CA SER C 56 11.86 -1.68 -16.39
C SER C 56 11.89 -0.16 -16.57
N GLY C 57 12.36 0.28 -17.74
CA GLY C 57 12.38 1.69 -18.08
C GLY C 57 13.40 2.55 -17.37
N VAL C 58 14.00 2.05 -16.29
CA VAL C 58 15.00 2.78 -15.50
C VAL C 58 16.24 3.00 -16.36
N PRO C 59 16.97 4.10 -16.17
CA PRO C 59 18.27 4.24 -16.84
C PRO C 59 19.30 3.31 -16.22
N SER C 60 20.37 3.11 -16.96
CA SER C 60 21.38 2.14 -16.59
C SER C 60 22.29 2.60 -15.46
N ARG C 61 22.31 3.91 -15.17
CA ARG C 61 23.33 4.42 -14.25
C ARG C 61 23.23 3.75 -12.88
N PHE C 62 22.06 3.22 -12.51
CA PHE C 62 21.91 2.52 -11.25
C PHE C 62 22.44 1.09 -11.35
N SER C 63 23.41 0.74 -10.51
CA SER C 63 24.06 -0.56 -10.55
C SER C 63 23.77 -1.31 -9.26
N GLY C 64 23.08 -2.44 -9.38
CA GLY C 64 22.79 -3.29 -8.23
C GLY C 64 23.93 -4.25 -7.92
N SER C 65 24.29 -4.34 -6.64
CA SER C 65 25.40 -5.17 -6.21
C SER C 65 25.11 -5.77 -4.85
N GLY C 66 25.75 -6.91 -4.59
CA GLY C 66 25.69 -7.54 -3.29
C GLY C 66 25.32 -9.02 -3.30
N SER C 67 25.59 -9.72 -2.19
CA SER C 67 25.17 -11.09 -1.92
C SER C 67 25.51 -11.47 -0.48
N GLY C 68 24.63 -12.24 0.16
CA GLY C 68 24.85 -12.65 1.54
C GLY C 68 24.29 -11.67 2.55
N THR C 69 25.14 -10.73 3.03
CA THR C 69 24.73 -9.67 3.95
C THR C 69 25.25 -8.28 3.59
N ASP C 70 26.35 -8.15 2.86
CA ASP C 70 26.81 -6.84 2.42
C ASP C 70 26.20 -6.56 1.06
N PHE C 71 25.62 -5.37 0.90
CA PHE C 71 24.98 -5.02 -0.36
C PHE C 71 25.33 -3.60 -0.75
N THR C 72 25.51 -3.40 -2.04
CA THR C 72 25.98 -2.15 -2.60
C THR C 72 25.02 -1.70 -3.69
N LEU C 73 24.71 -0.40 -3.70
CA LEU C 73 23.99 0.23 -4.80
C LEU C 73 24.88 1.30 -5.38
N THR C 74 25.16 1.17 -6.66
CA THR C 74 26.04 2.08 -7.35
C THR C 74 25.19 2.96 -8.25
N ILE C 75 25.54 4.23 -8.32
CA ILE C 75 25.09 5.12 -9.38
C ILE C 75 26.30 5.43 -10.24
N SER C 76 26.09 5.47 -11.54
CA SER C 76 27.20 5.72 -12.45
C SER C 76 27.56 7.20 -12.45
N SER C 77 26.69 8.05 -13.02
CA SER C 77 26.91 9.49 -13.12
C SER C 77 25.67 10.18 -12.53
N LEU C 78 25.82 10.69 -11.30
CA LEU C 78 24.67 11.21 -10.55
C LEU C 78 24.00 12.37 -11.27
N GLN C 79 22.66 12.44 -11.18
CA GLN C 79 21.89 13.36 -12.01
C GLN C 79 20.99 14.28 -11.19
N PRO C 80 20.79 15.54 -11.63
CA PRO C 80 20.18 16.56 -10.74
C PRO C 80 18.79 16.22 -10.26
N GLU C 81 18.11 15.31 -10.95
CA GLU C 81 16.83 14.82 -10.48
C GLU C 81 16.96 13.66 -9.53
N ASP C 82 18.12 13.00 -9.49
CA ASP C 82 18.25 11.86 -8.60
C ASP C 82 18.30 12.26 -7.13
N PHE C 83 18.23 13.56 -6.83
CA PHE C 83 17.93 14.03 -5.48
C PHE C 83 16.71 13.29 -4.95
N ALA C 84 16.91 12.59 -3.83
CA ALA C 84 15.88 11.76 -3.21
C ALA C 84 16.41 11.30 -1.85
N THR C 85 15.57 10.58 -1.14
CA THR C 85 15.97 9.79 0.02
C THR C 85 15.82 8.32 -0.39
N TYR C 86 16.75 7.46 0.05
CA TYR C 86 16.86 6.11 -0.48
C TYR C 86 16.71 5.05 0.60
N TYR C 87 16.13 3.92 0.23
CA TYR C 87 15.89 2.85 1.18
C TYR C 87 16.10 1.50 0.49
N CYS C 88 16.98 0.68 1.05
CA CYS C 88 17.06 -0.74 0.70
C CYS C 88 16.08 -1.53 1.56
N GLN C 89 15.57 -2.63 1.03
CA GLN C 89 14.63 -3.44 1.79
C GLN C 89 15.03 -4.90 1.82
N GLN C 90 15.06 -5.46 3.04
CA GLN C 90 15.18 -6.90 3.22
C GLN C 90 13.90 -7.58 2.75
N LEU C 91 14.02 -8.75 2.10
CA LEU C 91 12.85 -9.43 1.54
C LEU C 91 12.81 -10.92 1.84
N LYS C 92 13.51 -11.37 2.87
CA LYS C 92 13.69 -12.81 3.13
C LYS C 92 12.66 -13.36 4.12
N SER C 93 12.63 -12.83 5.34
CA SER C 93 11.64 -13.14 6.36
C SER C 93 10.60 -12.04 6.40
N TYR C 94 9.36 -12.39 6.78
CA TYR C 94 8.33 -11.37 6.60
C TYR C 94 8.44 -10.17 7.54
N PRO C 95 9.01 -10.26 8.77
CA PRO C 95 9.36 -8.99 9.41
C PRO C 95 10.16 -8.17 8.42
N LEU C 96 9.47 -7.16 7.87
CA LEU C 96 9.88 -6.52 6.63
C LEU C 96 10.54 -5.18 6.94
N THR C 97 11.80 -5.07 6.56
CA THR C 97 12.58 -4.02 7.14
C THR C 97 13.41 -3.35 6.08
N PHE C 98 13.79 -2.12 6.39
CA PHE C 98 14.43 -1.19 5.48
C PHE C 98 15.73 -0.70 6.12
N GLY C 99 16.46 0.12 5.34
CA GLY C 99 17.54 0.91 5.88
C GLY C 99 17.03 2.25 6.40
N GLY C 100 17.81 2.85 7.29
CA GLY C 100 17.33 4.05 7.97
C GLY C 100 17.00 5.21 7.06
N GLY C 101 17.51 5.18 5.82
CA GLY C 101 17.22 6.26 4.90
C GLY C 101 18.42 7.12 4.59
N THR C 102 18.97 6.93 3.39
CA THR C 102 20.06 7.77 2.89
C THR C 102 19.45 8.96 2.16
N LYS C 103 19.41 10.11 2.86
CA LYS C 103 19.11 11.37 2.21
C LYS C 103 20.29 11.71 1.29
N VAL C 104 19.99 12.16 0.06
CA VAL C 104 21.02 12.34 -0.99
C VAL C 104 20.85 13.66 -1.73
N GLU C 105 21.95 14.36 -1.98
CA GLU C 105 21.97 15.72 -2.49
C GLU C 105 22.70 15.84 -3.83
N ILE C 106 22.60 17.05 -4.41
CA ILE C 106 23.34 17.48 -5.60
C ILE C 106 24.17 18.70 -5.22
N THR C 107 25.43 18.74 -5.68
CA THR C 107 26.28 19.92 -5.48
C THR C 107 26.34 20.70 -6.81
N ARG C 108 25.54 21.76 -6.88
CA ARG C 108 25.40 22.66 -8.01
C ARG C 108 26.20 23.91 -7.72
N THR C 109 26.56 24.65 -8.77
CA THR C 109 27.15 25.96 -8.57
C THR C 109 26.20 26.87 -7.81
N VAL C 110 26.77 27.85 -7.11
CA VAL C 110 25.94 28.85 -6.43
C VAL C 110 25.07 29.54 -7.46
N ALA C 111 23.75 29.40 -7.33
CA ALA C 111 22.86 30.10 -8.23
C ALA C 111 22.48 31.46 -7.63
N ALA C 112 22.02 32.34 -8.50
CA ALA C 112 21.51 33.64 -8.08
C ALA C 112 20.02 33.55 -7.73
N PRO C 113 19.60 34.10 -6.59
CA PRO C 113 18.17 34.12 -6.26
C PRO C 113 17.34 35.01 -7.18
N SER C 114 16.07 34.62 -7.33
CA SER C 114 15.09 35.36 -8.10
C SER C 114 13.97 35.77 -7.15
N VAL C 115 13.74 37.08 -7.03
CA VAL C 115 12.90 37.63 -5.97
C VAL C 115 11.85 38.60 -6.51
N PHE C 116 10.59 38.18 -6.56
CA PHE C 116 9.49 39.10 -6.78
C PHE C 116 8.82 39.41 -5.43
N ILE C 117 7.87 40.34 -5.46
CA ILE C 117 7.17 40.78 -4.24
C ILE C 117 5.69 40.95 -4.56
N PHE C 118 4.84 40.48 -3.65
CA PHE C 118 3.42 40.55 -3.91
C PHE C 118 2.66 41.10 -2.72
N PRO C 119 1.56 41.80 -2.99
CA PRO C 119 0.81 42.47 -1.93
C PRO C 119 -0.12 41.51 -1.20
N PRO C 120 -0.83 42.00 -0.20
CA PRO C 120 -2.06 41.33 0.20
C PRO C 120 -3.11 41.50 -0.89
N SER C 121 -3.80 40.41 -1.20
CA SER C 121 -4.85 40.47 -2.20
C SER C 121 -6.04 41.25 -1.67
N ASP C 122 -6.84 41.82 -2.59
CA ASP C 122 -8.07 42.48 -2.17
C ASP C 122 -9.03 41.50 -1.52
N GLU C 123 -9.14 40.27 -2.07
CA GLU C 123 -9.75 39.16 -1.33
C GLU C 123 -9.12 39.03 0.05
N GLN C 124 -7.79 39.02 0.08
CA GLN C 124 -7.06 38.84 1.33
C GLN C 124 -7.39 39.93 2.33
N LEU C 125 -7.22 41.19 1.91
CA LEU C 125 -7.41 42.31 2.81
C LEU C 125 -8.82 42.34 3.38
N LYS C 126 -9.83 42.11 2.52
CA LYS C 126 -11.22 42.27 2.94
C LYS C 126 -11.66 41.20 3.94
N SER C 127 -10.93 40.09 4.06
CA SER C 127 -11.22 39.10 5.09
C SER C 127 -11.06 39.70 6.49
N GLY C 128 -10.01 40.50 6.68
CA GLY C 128 -9.70 41.08 7.98
C GLY C 128 -8.21 41.07 8.26
N THR C 129 -7.50 40.17 7.58
CA THR C 129 -6.06 40.07 7.70
C THR C 129 -5.44 40.18 6.32
N ALA C 130 -4.27 40.80 6.26
CA ALA C 130 -3.55 41.05 5.02
C ALA C 130 -2.16 40.46 5.14
N SER C 131 -1.70 39.77 4.08
CA SER C 131 -0.41 39.08 4.12
C SER C 131 0.46 39.49 2.96
N VAL C 132 1.69 39.85 3.27
CA VAL C 132 2.70 40.19 2.27
C VAL C 132 3.60 38.98 2.12
N VAL C 133 4.16 38.84 0.92
CA VAL C 133 4.77 37.59 0.50
C VAL C 133 5.93 37.90 -0.42
N CYS C 134 7.08 37.27 -0.15
CA CYS C 134 8.29 37.51 -0.89
C CYS C 134 8.81 36.20 -1.46
N LEU C 135 9.47 36.31 -2.61
CA LEU C 135 9.73 35.17 -3.47
C LEU C 135 11.20 34.77 -3.41
N LEU C 136 11.45 33.49 -3.17
CA LEU C 136 12.73 32.88 -3.44
C LEU C 136 12.52 31.73 -4.42
N ASN C 137 13.37 31.66 -5.44
CA ASN C 137 13.15 30.73 -6.53
C ASN C 137 14.44 30.44 -7.27
N ASN C 138 14.58 29.17 -7.67
CA ASN C 138 15.65 28.69 -8.54
C ASN C 138 16.95 29.37 -8.18
N PHE C 139 17.43 29.09 -6.97
CA PHE C 139 18.72 29.57 -6.50
C PHE C 139 19.44 28.43 -5.81
N TYR C 140 20.76 28.59 -5.65
CA TYR C 140 21.61 27.62 -5.00
C TYR C 140 22.73 28.40 -4.35
N PRO C 141 23.17 28.04 -3.14
CA PRO C 141 22.62 27.02 -2.24
C PRO C 141 21.39 27.59 -1.57
N ARG C 142 20.67 26.80 -0.77
CA ARG C 142 19.42 27.29 -0.23
C ARG C 142 19.58 28.20 0.97
N GLU C 143 20.77 28.33 1.53
CA GLU C 143 20.95 29.10 2.75
C GLU C 143 20.86 30.57 2.42
N ALA C 144 19.88 31.26 3.00
CA ALA C 144 19.80 32.71 2.88
C ALA C 144 18.89 33.23 3.99
N LYS C 145 18.92 34.57 4.18
CA LYS C 145 18.17 35.26 5.23
C LYS C 145 17.37 36.41 4.63
N VAL C 146 16.12 36.55 5.08
CA VAL C 146 15.20 37.56 4.56
C VAL C 146 14.81 38.49 5.71
N GLN C 147 14.37 39.71 5.35
CA GLN C 147 14.01 40.76 6.30
C GLN C 147 12.81 41.57 5.81
N TRP C 148 11.85 41.85 6.70
CA TRP C 148 10.67 42.65 6.36
C TRP C 148 10.86 44.06 6.90
N LYS C 149 11.06 45.03 6.00
CA LYS C 149 11.31 46.44 6.37
C LYS C 149 10.06 47.29 6.09
N VAL C 150 9.13 47.30 7.04
CA VAL C 150 7.83 47.97 6.90
C VAL C 150 7.92 49.37 7.51
N ASP C 151 7.68 50.39 6.67
CA ASP C 151 7.94 51.80 6.98
C ASP C 151 9.41 52.06 7.24
N ASN C 152 10.29 51.10 6.88
CA ASN C 152 11.68 50.96 7.27
C ASN C 152 11.83 50.59 8.75
N ALA C 153 10.73 50.43 9.50
CA ALA C 153 10.75 49.87 10.86
C ALA C 153 10.56 48.36 10.73
N LEU C 154 11.65 47.61 10.90
CA LEU C 154 11.68 46.20 10.48
C LEU C 154 10.86 45.31 11.40
N GLN C 155 10.17 44.33 10.82
CA GLN C 155 9.22 43.50 11.53
C GLN C 155 9.87 42.17 11.89
N SER C 156 10.02 41.94 13.19
CA SER C 156 10.59 40.71 13.73
C SER C 156 9.49 39.95 14.46
N GLY C 157 9.27 38.71 14.04
CA GLY C 157 8.30 37.86 14.70
C GLY C 157 6.91 37.87 14.14
N ASN C 158 6.75 37.99 12.82
CA ASN C 158 5.47 37.74 12.16
C ASN C 158 5.68 37.07 10.80
N SER C 159 6.69 36.21 10.69
CA SER C 159 7.16 35.72 9.40
C SER C 159 7.17 34.20 9.40
N GLN C 160 6.36 33.61 8.52
CA GLN C 160 6.31 32.17 8.32
C GLN C 160 7.11 31.82 7.07
N GLU C 161 7.86 30.72 7.14
CA GLU C 161 8.87 30.39 6.13
C GLU C 161 8.77 28.94 5.72
N SER C 162 8.60 28.71 4.41
CA SER C 162 8.69 27.39 3.79
C SER C 162 9.79 27.40 2.75
N VAL C 163 10.39 26.23 2.49
CA VAL C 163 11.41 26.12 1.45
C VAL C 163 11.09 24.95 0.55
N THR C 164 11.18 25.17 -0.76
CA THR C 164 11.00 24.06 -1.67
C THR C 164 12.13 23.07 -1.52
N GLU C 165 11.81 21.83 -1.84
CA GLU C 165 12.85 20.86 -2.04
C GLU C 165 13.67 21.27 -3.25
N GLN C 166 14.93 20.82 -3.24
CA GLN C 166 15.84 21.16 -4.31
C GLN C 166 15.25 20.69 -5.62
N ASP C 167 15.27 21.58 -6.62
CA ASP C 167 14.67 21.25 -7.90
C ASP C 167 15.24 19.95 -8.44
N SER C 168 14.36 18.98 -8.66
CA SER C 168 14.78 17.81 -9.42
C SER C 168 15.10 18.19 -10.85
N LYS C 169 14.59 19.33 -11.33
CA LYS C 169 14.90 19.75 -12.69
C LYS C 169 16.36 20.22 -12.81
N ASP C 170 16.72 21.28 -12.08
CA ASP C 170 18.06 21.86 -12.15
C ASP C 170 18.57 22.28 -10.77
N SER C 171 18.27 21.49 -9.73
CA SER C 171 19.00 21.55 -8.47
C SER C 171 18.90 22.91 -7.77
N THR C 172 17.87 23.68 -8.02
CA THR C 172 17.81 24.98 -7.39
C THR C 172 16.52 25.13 -6.62
N TYR C 173 16.62 25.87 -5.53
CA TYR C 173 15.62 25.85 -4.49
C TYR C 173 14.58 26.94 -4.72
N SER C 174 13.78 27.18 -3.70
CA SER C 174 12.81 28.24 -3.66
C SER C 174 12.35 28.32 -2.22
N LEU C 175 12.02 29.52 -1.78
CA LEU C 175 11.63 29.67 -0.40
C LEU C 175 10.45 30.61 -0.26
N SER C 176 9.61 30.30 0.72
CA SER C 176 8.41 31.05 1.04
C SER C 176 8.74 32.08 2.10
N SER C 177 8.47 33.35 1.80
CA SER C 177 8.73 34.45 2.71
C SER C 177 7.40 35.12 3.02
N THR C 178 6.67 34.57 3.99
CA THR C 178 5.34 35.04 4.32
C THR C 178 5.43 36.16 5.34
N LEU C 179 4.56 37.15 5.19
CA LEU C 179 4.27 38.10 6.26
C LEU C 179 2.84 37.87 6.75
N THR C 180 2.62 38.18 8.02
CA THR C 180 1.36 37.94 8.72
C THR C 180 1.02 39.17 9.56
N LEU C 181 -0.10 39.86 9.25
CA LEU C 181 -0.54 41.04 9.97
C LEU C 181 -2.05 41.20 9.81
N SER C 182 -2.66 41.93 10.74
CA SER C 182 -4.07 42.26 10.59
C SER C 182 -4.23 43.47 9.68
N LYS C 183 -5.48 43.75 9.29
CA LYS C 183 -5.74 44.84 8.34
C LYS C 183 -5.30 46.18 8.90
N ALA C 184 -5.62 46.45 10.17
CA ALA C 184 -5.25 47.73 10.78
C ALA C 184 -3.74 47.88 10.84
N ASP C 185 -3.07 46.89 11.42
CA ASP C 185 -1.61 46.92 11.43
C ASP C 185 -1.05 46.87 10.01
N TYR C 186 -1.84 46.43 9.03
CA TYR C 186 -1.42 46.59 7.64
C TYR C 186 -1.59 48.03 7.19
N GLU C 187 -2.64 48.71 7.63
CA GLU C 187 -2.88 50.07 7.18
C GLU C 187 -2.14 51.11 8.00
N LYS C 188 -1.69 50.75 9.21
CA LYS C 188 -0.94 51.68 10.05
C LYS C 188 0.25 52.26 9.30
N HIS C 189 0.90 51.42 8.48
CA HIS C 189 2.10 51.75 7.75
C HIS C 189 1.77 52.18 6.33
N LYS C 190 2.81 52.60 5.61
CA LYS C 190 2.66 52.93 4.20
C LYS C 190 3.76 52.29 3.36
N VAL C 191 4.97 52.14 3.92
CA VAL C 191 6.13 51.58 3.23
C VAL C 191 6.33 50.13 3.65
N TYR C 192 6.43 49.23 2.68
CA TYR C 192 6.54 47.79 2.91
C TYR C 192 7.66 47.22 2.06
N ALA C 193 8.69 46.65 2.69
CA ALA C 193 9.87 46.18 1.97
C ALA C 193 10.27 44.77 2.36
N CYS C 194 11.14 44.18 1.55
CA CYS C 194 11.59 42.81 1.76
C CYS C 194 13.01 42.68 1.22
N GLU C 195 13.95 42.25 2.08
CA GLU C 195 15.38 42.26 1.80
C GLU C 195 15.97 40.86 1.77
N VAL C 196 16.83 40.62 0.77
CA VAL C 196 17.37 39.31 0.48
C VAL C 196 18.89 39.37 0.49
N THR C 197 19.51 38.39 1.16
CA THR C 197 20.96 38.34 1.38
C THR C 197 21.42 36.91 1.13
N HIS C 198 21.80 36.61 -0.11
CA HIS C 198 22.26 35.28 -0.47
C HIS C 198 23.76 35.32 -0.70
N GLN C 199 24.36 34.12 -0.71
CA GLN C 199 25.80 34.04 -0.93
C GLN C 199 26.18 34.54 -2.32
N GLY C 200 25.41 34.17 -3.33
CA GLY C 200 25.64 34.60 -4.70
C GLY C 200 25.14 35.99 -5.05
N LEU C 201 24.30 36.58 -4.20
CA LEU C 201 23.99 37.99 -4.32
C LEU C 201 25.26 38.74 -3.99
N SER C 202 26.02 39.12 -5.03
CA SER C 202 27.31 39.78 -4.83
C SER C 202 27.16 40.97 -3.90
N SER C 203 26.02 41.65 -3.97
CA SER C 203 25.50 42.61 -3.00
C SER C 203 24.03 42.31 -2.77
N PRO C 204 23.49 42.63 -1.59
CA PRO C 204 22.06 42.39 -1.34
C PRO C 204 21.15 43.37 -2.09
N VAL C 205 20.06 42.84 -2.64
CA VAL C 205 19.08 43.62 -3.39
C VAL C 205 17.67 43.29 -2.88
N THR C 206 16.71 44.16 -3.22
CA THR C 206 15.44 44.28 -2.50
C THR C 206 14.28 44.65 -3.42
N LYS C 207 13.10 44.07 -3.16
CA LYS C 207 11.85 44.41 -3.84
C LYS C 207 10.87 45.04 -2.87
N SER C 208 9.94 45.85 -3.40
CA SER C 208 9.02 46.54 -2.50
C SER C 208 7.85 47.15 -3.27
N PHE C 209 6.81 47.51 -2.51
CA PHE C 209 5.56 48.12 -2.97
C PHE C 209 4.96 48.91 -1.81
N ASN C 210 4.19 49.95 -2.13
CA ASN C 210 3.59 50.80 -1.11
C ASN C 210 2.11 50.50 -0.98
N ARG C 211 1.67 50.32 0.27
CA ARG C 211 0.28 49.99 0.55
C ARG C 211 -0.65 51.04 -0.04
N GLY C 212 -1.36 50.67 -1.10
CA GLY C 212 -2.04 51.63 -1.93
C GLY C 212 -1.30 51.87 -3.24
N GLU C 213 -0.76 50.80 -3.82
CA GLU C 213 0.03 50.84 -5.07
C GLU C 213 1.16 51.88 -5.00
#